data_3AQZ
#
_entry.id   3AQZ
#
_cell.length_a   47.0240
_cell.length_b   69.3260
_cell.length_c   81.0240
_cell.angle_alpha   90
_cell.angle_beta   90
_cell.angle_gamma   90
#
_symmetry.space_group_name_H-M   'P 21 21 21'
#
loop_
_entity.id
_entity.type
_entity.pdbx_description
1 polymer 'Beta-1,3-glucan-binding protein'
2 branched beta-D-glucopyranose-(1-3)-beta-D-glucopyranose-(1-3)-beta-D-glucopyranose-(1-3)-beta-D-glucopyranose-(1-3)-beta-D-glucopyranose-(1-3)-beta-D-glucopyranose
3 water water
#
_entity_poly.entity_id   1
_entity_poly.type   'polypeptide(L)'
_entity_poly.pdbx_seq_one_letter_code
;GSYVVPSAKLEAIYPKGLRVSIPDDGFSLFAFHGKLNEEMDGLEAGHWARDITKPKEGRWTFRDRNVKLKLGDKIYFWTY
VIKDGLGYRQDNGEWTVTEFVNEDGT
;
_entity_poly.pdbx_strand_id   A,B
#
loop_
_chem_comp.id
_chem_comp.type
_chem_comp.name
_chem_comp.formula
BGC D-saccharide, beta linking beta-D-glucopyranose 'C6 H12 O6'
#
# COMPACT_ATOMS: atom_id res chain seq x y z
N SER A 2 14.51 5.04 -12.17
CA SER A 2 14.73 3.56 -12.36
C SER A 2 14.01 2.77 -11.26
N TYR A 3 14.39 3.04 -10.01
CA TYR A 3 13.70 2.52 -8.84
C TYR A 3 12.35 3.23 -8.76
N VAL A 4 11.34 2.52 -8.28
CA VAL A 4 10.00 3.12 -8.16
C VAL A 4 9.64 3.38 -6.70
N VAL A 5 9.38 4.63 -6.35
CA VAL A 5 9.06 4.94 -4.94
C VAL A 5 7.70 4.32 -4.59
N PRO A 6 7.58 3.72 -3.39
CA PRO A 6 6.27 3.32 -2.87
C PRO A 6 5.27 4.48 -3.00
N SER A 7 4.08 4.20 -3.51
CA SER A 7 3.01 5.21 -3.57
C SER A 7 2.66 5.69 -2.17
N ALA A 8 2.45 7.00 -2.02
CA ALA A 8 2.03 7.58 -0.75
C ALA A 8 0.59 7.21 -0.37
N LYS A 9 0.40 6.89 0.89
CA LYS A 9 -0.91 6.71 1.46
C LYS A 9 -1.34 8.00 2.18
N LEU A 10 -2.46 8.58 1.73
CA LEU A 10 -2.98 9.78 2.38
C LEU A 10 -4.25 9.49 3.20
N GLU A 11 -4.41 10.20 4.32
CA GLU A 11 -5.52 10.04 5.25
C GLU A 11 -6.07 11.36 5.81
N ALA A 12 -7.36 11.58 5.65
CA ALA A 12 -8.03 12.72 6.25
C ALA A 12 -8.52 12.27 7.62
N ILE A 13 -7.98 12.88 8.68
CA ILE A 13 -8.31 12.57 10.08
C ILE A 13 -9.53 13.41 10.48
N TYR A 14 -10.48 12.79 11.17
CA TYR A 14 -11.62 13.52 11.75
C TYR A 14 -11.34 13.76 13.23
N PRO A 15 -11.63 14.98 13.74
CA PRO A 15 -12.25 16.11 13.04
C PRO A 15 -11.26 16.96 12.22
N LYS A 16 -9.96 16.81 12.50
CA LYS A 16 -8.95 17.57 11.79
C LYS A 16 -7.66 16.81 11.54
N GLY A 17 -6.92 17.25 10.52
CA GLY A 17 -5.55 16.78 10.31
C GLY A 17 -5.35 15.97 9.05
N LEU A 18 -4.08 15.89 8.63
CA LEU A 18 -3.66 15.12 7.47
C LEU A 18 -2.46 14.29 7.87
N ARG A 19 -2.49 13.03 7.44
CA ARG A 19 -1.33 12.17 7.55
C ARG A 19 -1.01 11.68 6.14
N VAL A 20 0.28 11.64 5.81
CA VAL A 20 0.79 11.13 4.53
C VAL A 20 1.96 10.23 4.90
N SER A 21 1.98 8.99 4.40
CA SER A 21 3.08 8.06 4.71
C SER A 21 3.43 7.05 3.61
N ILE A 22 4.62 6.47 3.74
CA ILE A 22 5.05 5.40 2.87
C ILE A 22 5.77 4.35 3.69
N PRO A 23 5.72 3.06 3.27
CA PRO A 23 6.56 2.06 3.93
C PRO A 23 8.02 2.37 3.67
N ASP A 24 8.89 2.02 4.61
CA ASP A 24 10.32 2.23 4.41
C ASP A 24 10.95 1.13 3.52
N ASP A 25 12.00 1.49 2.78
CA ASP A 25 12.79 0.49 2.02
C ASP A 25 14.29 0.79 2.07
N GLY A 26 14.81 0.93 3.29
CA GLY A 26 16.20 1.32 3.50
C GLY A 26 16.44 2.77 3.03
N PHE A 27 15.47 3.66 3.27
CA PHE A 27 15.58 5.07 2.86
C PHE A 27 16.33 5.86 3.94
N SER A 28 16.85 7.03 3.59
CA SER A 28 17.49 7.85 4.61
C SER A 28 16.78 9.20 4.83
N LEU A 29 15.75 9.49 4.03
CA LEU A 29 14.90 10.68 4.20
C LEU A 29 13.64 10.51 3.35
N PHE A 30 12.57 11.19 3.75
CA PHE A 30 11.31 11.24 3.00
C PHE A 30 10.77 12.67 3.05
N ALA A 31 10.34 13.20 1.93
CA ALA A 31 9.83 14.56 1.93
C ALA A 31 8.51 14.55 1.20
N PHE A 32 7.61 15.42 1.61
CA PHE A 32 6.26 15.56 1.05
C PHE A 32 6.05 16.99 0.63
N HIS A 33 5.53 17.18 -0.58
CA HIS A 33 5.24 18.49 -1.11
C HIS A 33 3.82 18.50 -1.65
N GLY A 34 2.99 19.41 -1.18
CA GLY A 34 1.58 19.40 -1.58
C GLY A 34 0.84 20.71 -1.45
N LYS A 35 -0.24 20.82 -2.23
CA LYS A 35 -1.20 21.93 -2.13
C LYS A 35 -2.66 21.46 -2.03
N LEU A 36 -3.49 22.34 -1.48
CA LEU A 36 -4.91 22.05 -1.20
C LEU A 36 -5.76 22.66 -2.26
N ASN A 37 -6.45 21.81 -3.02
CA ASN A 37 -7.36 22.23 -4.09
C ASN A 37 -6.67 23.14 -5.11
N GLU A 38 -5.36 22.92 -5.29
CA GLU A 38 -4.62 23.72 -6.23
C GLU A 38 -3.51 22.86 -6.84
N GLU A 39 -3.44 22.87 -8.17
CA GLU A 39 -2.49 22.02 -8.88
C GLU A 39 -1.03 22.45 -8.70
N MET A 40 -0.10 21.51 -8.65
CA MET A 40 1.33 21.85 -8.61
C MET A 40 1.83 22.14 -10.02
N ASP A 41 2.69 23.15 -10.14
CA ASP A 41 3.38 23.45 -11.38
C ASP A 41 4.74 22.72 -11.38
N GLY A 42 4.72 21.41 -11.67
CA GLY A 42 5.93 20.59 -11.57
C GLY A 42 6.42 20.47 -10.14
N LEU A 43 7.74 20.53 -9.98
CA LEU A 43 8.39 20.35 -8.69
C LEU A 43 8.49 21.63 -7.86
N GLU A 44 7.40 22.38 -7.80
CA GLU A 44 7.32 23.48 -6.82
C GLU A 44 7.37 22.94 -5.38
N ALA A 45 7.74 23.81 -4.43
CA ALA A 45 7.85 23.41 -3.02
C ALA A 45 6.52 22.93 -2.45
N GLY A 46 5.45 23.66 -2.77
CA GLY A 46 4.10 23.38 -2.24
C GLY A 46 3.78 24.14 -0.95
N HIS A 47 2.50 24.15 -0.57
CA HIS A 47 2.05 24.72 0.70
C HIS A 47 2.60 23.91 1.89
N TRP A 48 2.46 22.60 1.81
CA TRP A 48 3.09 21.69 2.74
C TRP A 48 4.40 21.28 2.08
N ALA A 49 5.48 21.33 2.83
CA ALA A 49 6.81 21.14 2.27
C ALA A 49 7.71 20.84 3.41
N ARG A 50 7.99 19.55 3.61
CA ARG A 50 8.62 19.10 4.84
C ARG A 50 9.43 17.82 4.64
N ASP A 51 10.69 17.86 5.12
CA ASP A 51 11.55 16.68 5.24
C ASP A 51 11.20 15.86 6.51
N ILE A 52 11.12 14.54 6.37
CA ILE A 52 10.93 13.61 7.48
C ILE A 52 12.26 12.85 7.61
N THR A 53 12.82 12.75 8.81
CA THR A 53 14.22 12.29 8.94
C THR A 53 14.43 10.94 9.60
N LYS A 54 13.36 10.31 10.10
CA LYS A 54 13.42 8.94 10.65
C LYS A 54 12.11 8.16 10.40
N PRO A 55 12.21 6.85 10.18
CA PRO A 55 10.93 6.12 10.16
C PRO A 55 10.55 5.69 11.57
N LYS A 56 9.30 5.24 11.72
CA LYS A 56 8.76 4.64 12.92
C LYS A 56 7.78 3.52 12.52
N GLU A 57 7.88 2.37 13.19
CA GLU A 57 7.02 1.21 12.90
C GLU A 57 6.92 0.95 11.38
N GLY A 58 8.09 0.95 10.72
CA GLY A 58 8.23 0.63 9.30
C GLY A 58 7.74 1.64 8.28
N ARG A 59 7.27 2.80 8.74
CA ARG A 59 6.73 3.84 7.86
C ARG A 59 7.37 5.23 8.07
N TRP A 60 7.44 6.00 7.00
CA TRP A 60 7.81 7.42 7.05
C TRP A 60 6.51 8.21 7.02
N THR A 61 6.24 8.99 8.07
CA THR A 61 4.98 9.72 8.19
C THR A 61 5.12 11.23 8.31
N PHE A 62 4.41 11.94 7.45
CA PHE A 62 4.26 13.38 7.58
C PHE A 62 2.83 13.67 8.10
N ARG A 63 2.72 14.61 9.03
CA ARG A 63 1.41 15.06 9.46
C ARG A 63 1.22 16.57 9.53
N ASP A 64 0.02 17.00 9.19
CA ASP A 64 -0.43 18.30 9.57
C ASP A 64 -1.58 18.05 10.52
N ARG A 65 -1.32 18.31 11.80
CA ARG A 65 -2.29 18.05 12.86
C ARG A 65 -3.49 19.02 12.82
N ASN A 66 -3.37 20.14 12.10
CA ASN A 66 -4.41 21.20 12.11
C ASN A 66 -5.35 21.40 10.90
N VAL A 67 -5.00 20.96 9.68
CA VAL A 67 -5.92 21.19 8.55
C VAL A 67 -7.28 20.55 8.77
N LYS A 68 -8.34 21.32 8.52
CA LYS A 68 -9.68 20.77 8.55
C LYS A 68 -10.06 20.46 7.11
N LEU A 69 -9.94 19.19 6.73
CA LEU A 69 -10.25 18.74 5.37
C LEU A 69 -11.75 18.45 5.21
N LYS A 70 -12.28 18.65 3.99
CA LYS A 70 -13.70 18.41 3.67
C LYS A 70 -13.83 17.30 2.62
N LEU A 71 -14.92 16.54 2.68
CA LEU A 71 -15.20 15.57 1.62
C LEU A 71 -15.08 16.30 0.28
N GLY A 72 -14.44 15.66 -0.69
CA GLY A 72 -14.26 16.30 -1.98
C GLY A 72 -13.03 17.17 -2.13
N ASP A 73 -12.29 17.42 -1.04
CA ASP A 73 -11.01 18.15 -1.11
C ASP A 73 -9.97 17.36 -1.92
N LYS A 74 -9.27 18.10 -2.79
CA LYS A 74 -8.20 17.54 -3.62
C LYS A 74 -6.83 17.95 -3.10
N ILE A 75 -5.93 16.99 -3.04
CA ILE A 75 -4.53 17.23 -2.70
C ILE A 75 -3.66 16.86 -3.91
N TYR A 76 -2.94 17.85 -4.42
CA TYR A 76 -1.97 17.62 -5.49
C TYR A 76 -0.56 17.65 -4.89
N PHE A 77 0.29 16.69 -5.27
CA PHE A 77 1.57 16.47 -4.55
C PHE A 77 2.68 15.72 -5.33
N TRP A 78 3.88 15.75 -4.74
CA TRP A 78 4.96 14.87 -5.13
C TRP A 78 5.74 14.56 -3.88
N THR A 79 6.44 13.43 -3.89
CA THR A 79 7.21 13.00 -2.75
C THR A 79 8.65 12.80 -3.22
N TYR A 80 9.56 12.64 -2.29
CA TYR A 80 10.97 12.53 -2.61
C TYR A 80 11.55 11.63 -1.55
N VAL A 81 12.45 10.75 -1.99
CA VAL A 81 13.00 9.76 -1.13
C VAL A 81 14.49 9.67 -1.46
N ILE A 82 15.32 9.45 -0.43
CA ILE A 82 16.72 9.13 -0.66
C ILE A 82 17.00 7.70 -0.28
N LYS A 83 17.51 6.94 -1.25
CA LYS A 83 17.88 5.56 -1.05
C LYS A 83 19.29 5.34 -1.62
N ASP A 84 20.21 4.92 -0.76
CA ASP A 84 21.63 4.75 -1.14
C ASP A 84 22.29 6.03 -1.71
N GLY A 85 21.92 7.17 -1.12
CA GLY A 85 22.47 8.47 -1.49
C GLY A 85 21.85 9.13 -2.71
N LEU A 86 20.86 8.46 -3.32
CA LEU A 86 20.25 8.93 -4.57
C LEU A 86 18.76 9.24 -4.39
N GLY A 87 18.27 10.24 -5.09
CA GLY A 87 16.90 10.71 -4.91
C GLY A 87 15.92 10.11 -5.91
N TYR A 88 14.68 9.87 -5.48
CA TYR A 88 13.62 9.35 -6.37
C TYR A 88 12.32 10.00 -5.95
N ARG A 89 11.38 10.12 -6.90
CA ARG A 89 10.16 10.83 -6.68
C ARG A 89 8.95 10.03 -7.13
N GLN A 90 7.91 10.11 -6.32
CA GLN A 90 6.54 9.91 -6.83
C GLN A 90 6.11 11.25 -7.38
N ASP A 91 5.83 11.25 -8.67
CA ASP A 91 5.44 12.44 -9.37
C ASP A 91 3.94 12.45 -9.64
N ASN A 92 3.40 13.66 -9.79
CA ASN A 92 2.06 13.89 -10.36
C ASN A 92 0.95 13.29 -9.45
N GLY A 93 1.19 13.28 -8.14
CA GLY A 93 0.22 12.77 -7.19
C GLY A 93 -1.08 13.56 -7.16
N GLU A 94 -2.20 12.84 -7.04
CA GLU A 94 -3.53 13.43 -6.87
C GLU A 94 -4.32 12.53 -5.93
N TRP A 95 -5.00 13.14 -4.95
CA TRP A 95 -5.84 12.37 -4.02
C TRP A 95 -7.10 13.16 -3.74
N THR A 96 -8.24 12.49 -3.65
CA THR A 96 -9.51 13.12 -3.25
C THR A 96 -9.95 12.59 -1.89
N VAL A 97 -10.40 13.47 -1.01
CA VAL A 97 -10.93 13.05 0.29
C VAL A 97 -12.30 12.41 0.09
N THR A 98 -12.39 11.11 0.30
CA THR A 98 -13.63 10.34 0.12
C THR A 98 -14.18 9.83 1.45
N GLU A 99 -13.31 9.81 2.47
CA GLU A 99 -13.62 9.25 3.79
C GLU A 99 -12.64 9.82 4.81
N PHE A 100 -13.05 9.80 6.08
CA PHE A 100 -12.21 10.20 7.19
C PHE A 100 -11.81 8.96 7.99
N VAL A 101 -10.69 9.06 8.69
CA VAL A 101 -10.19 7.92 9.49
C VAL A 101 -10.01 8.26 10.98
N SER B 2 -9.59 -4.99 15.53
CA SER B 2 -9.72 -3.50 15.68
C SER B 2 -8.87 -2.80 14.61
N TYR B 3 -7.57 -3.07 14.64
CA TYR B 3 -6.66 -2.67 13.56
C TYR B 3 -7.17 -3.25 12.24
N VAL B 4 -7.13 -2.45 11.17
CA VAL B 4 -7.62 -2.89 9.87
C VAL B 4 -6.42 -3.17 8.97
N VAL B 5 -6.25 -4.45 8.58
CA VAL B 5 -5.12 -4.89 7.76
C VAL B 5 -5.26 -4.27 6.38
N PRO B 6 -4.15 -3.76 5.80
CA PRO B 6 -4.18 -3.25 4.43
C PRO B 6 -4.74 -4.28 3.47
N SER B 7 -5.57 -3.81 2.54
CA SER B 7 -6.23 -4.69 1.59
C SER B 7 -5.28 -5.26 0.55
N ALA B 8 -5.36 -6.56 0.31
CA ALA B 8 -4.45 -7.21 -0.62
C ALA B 8 -4.64 -6.70 -2.04
N LYS B 9 -3.51 -6.48 -2.72
CA LYS B 9 -3.54 -6.21 -4.15
C LYS B 9 -3.23 -7.52 -4.85
N LEU B 10 -4.13 -7.93 -5.72
CA LEU B 10 -3.97 -9.18 -6.44
C LEU B 10 -3.77 -8.93 -7.93
N GLU B 11 -2.79 -9.61 -8.51
CA GLU B 11 -2.48 -9.40 -9.92
C GLU B 11 -2.35 -10.70 -10.68
N ALA B 12 -3.06 -10.79 -11.80
CA ALA B 12 -2.90 -11.86 -12.76
C ALA B 12 -1.80 -11.46 -13.74
N ILE B 13 -0.75 -12.27 -13.86
CA ILE B 13 0.42 -11.94 -14.66
C ILE B 13 0.37 -12.61 -16.03
N TYR B 14 0.61 -11.85 -17.08
CA TYR B 14 0.75 -12.42 -18.43
C TYR B 14 2.23 -12.74 -18.68
N PRO B 15 2.53 -13.95 -19.21
CA PRO B 15 1.61 -14.99 -19.68
C PRO B 15 0.96 -15.84 -18.58
N LYS B 16 1.68 -16.04 -17.48
CA LYS B 16 1.17 -16.82 -16.36
C LYS B 16 1.61 -16.24 -15.02
N GLY B 17 1.03 -16.79 -13.96
CA GLY B 17 1.40 -16.45 -12.60
C GLY B 17 0.39 -15.58 -11.87
N LEU B 18 0.55 -15.58 -10.56
CA LEU B 18 -0.23 -14.74 -9.67
C LEU B 18 0.70 -14.03 -8.73
N ARG B 19 0.37 -12.78 -8.45
CA ARG B 19 1.05 -12.05 -7.40
C ARG B 19 0.02 -11.48 -6.42
N VAL B 20 0.32 -11.57 -5.13
CA VAL B 20 -0.51 -10.97 -4.06
C VAL B 20 0.38 -10.26 -3.05
N SER B 21 0.13 -8.97 -2.80
CA SER B 21 1.00 -8.17 -1.93
C SER B 21 0.22 -7.12 -1.15
N ILE B 22 0.71 -6.78 0.04
CA ILE B 22 0.30 -5.59 0.77
C ILE B 22 1.52 -4.67 1.09
N PRO B 23 1.28 -3.37 1.33
CA PRO B 23 2.42 -2.52 1.74
C PRO B 23 2.78 -2.82 3.19
N ASP B 24 4.02 -2.57 3.60
CA ASP B 24 4.29 -2.81 5.00
C ASP B 24 3.69 -1.73 5.93
N ASP B 25 3.24 -2.19 7.09
CA ASP B 25 2.76 -1.29 8.12
C ASP B 25 3.26 -1.76 9.46
N GLY B 26 4.57 -2.00 9.52
CA GLY B 26 5.21 -2.42 10.76
C GLY B 26 5.01 -3.88 11.11
N PHE B 27 4.81 -4.73 10.10
CA PHE B 27 4.58 -6.17 10.34
C PHE B 27 5.85 -7.00 10.56
N SER B 28 5.69 -8.18 11.16
CA SER B 28 6.75 -9.17 11.23
C SER B 28 6.48 -10.39 10.35
N LEU B 29 5.27 -10.47 9.77
CA LEU B 29 4.85 -11.64 8.98
C LEU B 29 3.56 -11.36 8.22
N PHE B 30 3.48 -11.91 7.01
CA PHE B 30 2.29 -11.87 6.17
C PHE B 30 2.04 -13.30 5.65
N ALA B 31 0.77 -13.70 5.61
CA ALA B 31 0.40 -14.99 5.00
C ALA B 31 -0.83 -14.90 4.13
N PHE B 32 -0.76 -15.58 3.00
CA PHE B 32 -1.85 -15.57 2.06
C PHE B 32 -2.48 -16.95 2.07
N HIS B 33 -3.81 -17.01 2.16
CA HIS B 33 -4.53 -18.28 2.12
C HIS B 33 -5.62 -18.21 1.07
N GLY B 34 -5.55 -19.08 0.08
CA GLY B 34 -6.38 -18.91 -1.11
C GLY B 34 -6.74 -20.19 -1.84
N LYS B 35 -7.85 -20.15 -2.56
CA LYS B 35 -8.27 -21.27 -3.43
C LYS B 35 -8.75 -20.72 -4.75
N LEU B 36 -8.46 -21.46 -5.81
CA LEU B 36 -8.89 -21.12 -7.16
C LEU B 36 -10.32 -21.64 -7.48
N ASN B 37 -11.26 -20.73 -7.66
CA ASN B 37 -12.63 -21.11 -8.11
C ASN B 37 -13.53 -21.88 -7.12
N GLU B 38 -13.01 -22.15 -5.93
CA GLU B 38 -13.81 -22.74 -4.85
C GLU B 38 -13.85 -21.76 -3.67
N GLU B 39 -15.01 -21.70 -3.01
CA GLU B 39 -15.21 -20.78 -1.90
C GLU B 39 -14.43 -21.22 -0.68
N MET B 40 -13.99 -20.28 0.15
CA MET B 40 -13.36 -20.61 1.44
C MET B 40 -14.49 -20.94 2.43
N ASP B 41 -14.42 -22.09 3.11
CA ASP B 41 -15.31 -22.31 4.27
C ASP B 41 -14.74 -21.72 5.58
N GLY B 42 -14.73 -20.40 5.70
CA GLY B 42 -14.06 -19.78 6.84
C GLY B 42 -12.55 -19.82 6.66
N LEU B 43 -11.84 -20.02 7.78
CA LEU B 43 -10.38 -19.93 7.81
C LEU B 43 -9.72 -21.26 7.50
N GLU B 44 -10.02 -21.83 6.35
CA GLU B 44 -9.32 -23.03 5.95
C GLU B 44 -7.93 -22.65 5.42
N ALA B 45 -7.05 -23.65 5.43
CA ALA B 45 -5.66 -23.49 5.05
C ALA B 45 -5.61 -22.88 3.66
N GLY B 46 -6.38 -23.44 2.74
CA GLY B 46 -6.42 -22.99 1.35
C GLY B 46 -5.57 -23.88 0.47
N HIS B 47 -5.70 -23.71 -0.84
CA HIS B 47 -4.84 -24.39 -1.82
C HIS B 47 -3.49 -23.67 -1.78
N TRP B 48 -3.54 -22.34 -1.84
CA TRP B 48 -2.35 -21.54 -1.60
C TRP B 48 -2.34 -21.23 -0.11
N ALA B 49 -1.24 -21.53 0.54
CA ALA B 49 -1.07 -21.30 1.96
C ALA B 49 0.43 -21.10 2.20
N ARG B 50 0.82 -19.83 2.29
CA ARG B 50 2.21 -19.47 2.44
C ARG B 50 2.43 -18.27 3.35
N ASP B 51 3.33 -18.46 4.32
CA ASP B 51 3.97 -17.41 5.16
C ASP B 51 5.11 -16.67 4.43
N ILE B 52 4.99 -15.35 4.34
CA ILE B 52 6.03 -14.46 3.85
C ILE B 52 6.69 -13.82 5.08
N THR B 53 8.02 -13.95 5.19
CA THR B 53 8.68 -13.58 6.45
C THR B 53 9.57 -12.33 6.38
N LYS B 54 9.61 -11.63 5.24
CA LYS B 54 10.28 -10.32 5.16
C LYS B 54 9.70 -9.51 4.00
N PRO B 55 9.62 -8.18 4.15
CA PRO B 55 9.15 -7.38 3.03
C PRO B 55 10.27 -7.12 2.04
N LYS B 56 9.91 -6.72 0.81
CA LYS B 56 10.92 -6.34 -0.17
C LYS B 56 10.33 -5.20 -0.94
N GLU B 57 11.14 -4.17 -1.15
CA GLU B 57 10.70 -3.01 -1.91
C GLU B 57 9.48 -2.41 -1.25
N GLY B 58 9.37 -2.59 0.07
CA GLY B 58 8.31 -1.98 0.90
C GLY B 58 6.99 -2.75 0.94
N ARG B 59 6.98 -3.96 0.40
CA ARG B 59 5.75 -4.77 0.33
C ARG B 59 6.01 -6.21 0.69
N TRP B 60 4.98 -6.88 1.19
CA TRP B 60 5.00 -8.31 1.45
C TRP B 60 4.32 -8.98 0.27
N THR B 61 5.07 -9.77 -0.48
CA THR B 61 4.62 -10.25 -1.78
C THR B 61 4.61 -11.76 -1.81
N PHE B 62 3.48 -12.36 -2.14
CA PHE B 62 3.44 -13.81 -2.36
C PHE B 62 3.33 -13.99 -3.85
N ARG B 63 4.02 -14.99 -4.38
CA ARG B 63 4.02 -15.29 -5.80
C ARG B 63 3.81 -16.81 -6.09
N ASP B 64 2.97 -17.08 -7.08
CA ASP B 64 2.88 -18.39 -7.71
C ASP B 64 3.18 -18.09 -9.15
N ARG B 65 4.32 -18.57 -9.61
CA ARG B 65 4.84 -18.20 -10.92
C ARG B 65 4.29 -19.11 -12.03
N ASN B 66 3.60 -20.19 -11.65
CA ASN B 66 3.18 -21.20 -12.62
C ASN B 66 1.68 -21.30 -12.93
N VAL B 67 0.83 -20.65 -12.13
CA VAL B 67 -0.60 -20.68 -12.41
C VAL B 67 -0.97 -19.90 -13.66
N LYS B 68 -1.75 -20.53 -14.51
CA LYS B 68 -2.30 -19.85 -15.66
C LYS B 68 -3.73 -19.44 -15.34
N LEU B 69 -3.94 -18.14 -15.12
CA LEU B 69 -5.27 -17.64 -14.83
C LEU B 69 -6.04 -17.20 -16.07
N LYS B 70 -7.34 -17.48 -16.07
CA LYS B 70 -8.20 -17.07 -17.18
C LYS B 70 -9.04 -15.90 -16.71
N LEU B 71 -9.53 -15.10 -17.65
CA LEU B 71 -10.48 -14.04 -17.33
C LEU B 71 -11.71 -14.71 -16.68
N GLY B 72 -12.30 -14.01 -15.72
CA GLY B 72 -13.43 -14.58 -14.97
C GLY B 72 -13.07 -15.57 -13.86
N ASP B 73 -11.79 -15.96 -13.77
CA ASP B 73 -11.33 -16.76 -12.64
C ASP B 73 -11.53 -15.99 -11.37
N LYS B 74 -11.85 -16.73 -10.30
CA LYS B 74 -12.10 -16.15 -8.98
C LYS B 74 -11.17 -16.78 -7.95
N ILE B 75 -10.54 -15.91 -7.17
CA ILE B 75 -9.76 -16.35 -6.04
C ILE B 75 -10.55 -16.00 -4.80
N TYR B 76 -10.76 -16.99 -3.93
CA TYR B 76 -11.31 -16.74 -2.58
C TYR B 76 -10.18 -16.87 -1.58
N PHE B 77 -10.08 -15.90 -0.66
CA PHE B 77 -8.90 -15.83 0.19
C PHE B 77 -9.15 -15.07 1.47
N TRP B 78 -8.25 -15.32 2.42
CA TRP B 78 -8.02 -14.45 3.52
C TRP B 78 -6.51 -14.23 3.67
N THR B 79 -6.15 -13.17 4.39
CA THR B 79 -4.75 -12.91 4.69
C THR B 79 -4.56 -12.78 6.17
N TYR B 80 -3.32 -12.90 6.59
CA TYR B 80 -2.96 -12.78 7.97
C TYR B 80 -1.64 -12.01 8.09
N VAL B 81 -1.58 -11.24 9.16
CA VAL B 81 -0.54 -10.30 9.41
C VAL B 81 -0.27 -10.32 10.92
N ILE B 82 1.00 -10.29 11.30
CA ILE B 82 1.36 -10.19 12.70
C ILE B 82 1.92 -8.78 12.92
N LYS B 83 1.31 -8.04 13.85
CA LYS B 83 1.74 -6.68 14.17
C LYS B 83 1.91 -6.57 15.68
N ASP B 84 3.11 -6.16 16.10
CA ASP B 84 3.47 -6.10 17.52
C ASP B 84 3.16 -7.40 18.29
N GLY B 85 3.35 -8.56 17.67
CA GLY B 85 3.10 -9.86 18.33
C GLY B 85 1.66 -10.38 18.22
N LEU B 86 0.75 -9.57 17.69
CA LEU B 86 -0.67 -9.90 17.58
C LEU B 86 -1.15 -10.03 16.13
N GLY B 87 -2.03 -10.99 15.89
CA GLY B 87 -2.46 -11.28 14.52
C GLY B 87 -3.73 -10.60 14.06
N TYR B 88 -3.79 -10.31 12.76
CA TYR B 88 -4.94 -9.62 12.21
C TYR B 88 -5.18 -10.21 10.85
N ARG B 89 -6.41 -10.08 10.36
CA ARG B 89 -6.76 -10.66 9.08
C ARG B 89 -7.51 -9.74 8.19
N GLN B 90 -7.32 -9.89 6.88
CA GLN B 90 -8.33 -9.48 5.93
C GLN B 90 -9.18 -10.71 5.66
N ASP B 91 -10.44 -10.63 6.07
CA ASP B 91 -11.37 -11.76 5.94
C ASP B 91 -12.21 -11.62 4.67
N ASN B 92 -12.84 -12.71 4.26
CA ASN B 92 -13.80 -12.72 3.13
C ASN B 92 -13.29 -12.10 1.81
N GLY B 93 -11.99 -12.21 1.58
CA GLY B 93 -11.42 -11.72 0.33
C GLY B 93 -12.07 -12.37 -0.89
N GLU B 94 -12.35 -11.54 -1.90
CA GLU B 94 -12.97 -12.03 -3.12
C GLU B 94 -12.41 -11.23 -4.29
N TRP B 95 -11.91 -11.92 -5.29
CA TRP B 95 -11.27 -11.26 -6.42
C TRP B 95 -11.47 -12.05 -7.68
N THR B 96 -11.83 -11.33 -8.73
CA THR B 96 -12.10 -11.94 -10.00
C THR B 96 -11.12 -11.36 -11.03
N VAL B 97 -10.64 -12.21 -11.93
CA VAL B 97 -9.69 -11.79 -12.97
C VAL B 97 -10.42 -11.08 -14.12
N THR B 98 -10.19 -9.77 -14.24
CA THR B 98 -10.75 -8.94 -15.30
C THR B 98 -9.68 -8.27 -16.22
N GLU B 99 -8.40 -8.46 -15.89
CA GLU B 99 -7.30 -7.90 -16.69
C GLU B 99 -5.93 -8.47 -16.29
N PHE B 100 -4.95 -8.33 -17.19
CA PHE B 100 -3.59 -8.81 -16.95
C PHE B 100 -2.58 -7.68 -16.85
N VAL B 101 -1.47 -7.97 -16.20
CA VAL B 101 -0.36 -7.05 -16.08
C VAL B 101 0.92 -7.82 -16.39
N ASN B 102 1.96 -7.10 -16.81
CA ASN B 102 3.29 -7.66 -16.99
C ASN B 102 3.95 -7.67 -15.62
N GLU B 103 5.19 -8.17 -15.53
CA GLU B 103 5.97 -8.09 -14.29
C GLU B 103 6.52 -6.68 -13.99
C2 BGC C . 22.03 19.84 -11.12
C3 BGC C . 20.89 20.72 -11.64
C4 BGC C . 21.43 21.90 -12.46
C5 BGC C . 22.48 21.43 -13.47
C6 BGC C . 23.20 22.57 -14.15
C1 BGC C . 23.00 19.47 -12.26
O1 BGC C . 24.11 18.77 -11.76
O2 BGC C . 21.54 18.65 -10.56
O3 BGC C . 20.12 21.25 -10.57
O4 BGC C . 20.37 22.56 -13.10
O5 BGC C . 23.48 20.67 -12.80
O6 BGC C . 23.11 22.36 -15.53
C2 BGC C . 18.44 20.73 -8.98
C3 BGC C . 17.05 20.14 -8.72
C4 BGC C . 16.07 20.79 -9.68
C5 BGC C . 16.56 20.67 -11.13
C6 BGC C . 15.60 21.43 -12.03
C1 BGC C . 18.84 20.61 -10.44
O2 BGC C . 19.36 20.02 -8.21
O3 BGC C . 16.70 20.47 -7.39
O4 BGC C . 14.76 20.25 -9.57
O5 BGC C . 17.87 21.18 -11.29
O6 BGC C . 15.74 20.95 -13.35
C2 BGC C . 16.47 20.01 -5.09
C3 BGC C . 16.01 19.02 -4.03
C4 BGC C . 14.74 18.30 -4.47
C5 BGC C . 14.97 17.67 -5.84
C6 BGC C . 13.76 16.92 -6.41
C1 BGC C . 16.53 19.37 -6.49
O2 BGC C . 17.75 20.47 -4.69
O3 BGC C . 15.77 19.84 -2.89
O4 BGC C . 14.37 17.36 -3.47
O5 BGC C . 15.33 18.68 -6.78
O6 BGC C . 14.10 16.19 -7.59
C2 BGC C . 16.54 20.56 -0.82
C3 BGC C . 16.98 20.13 0.57
C4 BGC C . 16.12 18.97 1.08
C5 BGC C . 16.17 17.80 0.08
C6 BGC C . 15.35 16.61 0.55
C1 BGC C . 16.41 19.33 -1.73
O2 BGC C . 17.51 21.42 -1.36
O3 BGC C . 16.84 21.22 1.44
O4 BGC C . 16.49 18.56 2.38
O5 BGC C . 15.66 18.27 -1.15
O6 BGC C . 13.97 16.95 0.60
C2 BGC C . 17.80 23.25 2.19
C3 BGC C . 19.07 23.99 2.68
C4 BGC C . 19.83 23.10 3.65
C5 BGC C . 20.07 21.70 3.06
C6 BGC C . 20.62 20.80 4.13
C1 BGC C . 18.10 21.85 1.68
O2 BGC C . 17.13 23.95 1.16
O3 BGC C . 18.68 25.16 3.34
O4 BGC C . 21.09 23.64 4.04
O5 BGC C . 18.84 21.13 2.63
O6 BGC C . 21.03 19.57 3.55
C2 BGC C . 18.04 27.51 3.09
C3 BGC C . 18.56 28.92 2.73
C4 BGC C . 20.02 29.04 3.17
C5 BGC C . 20.83 27.97 2.44
C6 BGC C . 22.33 28.06 2.70
C1 BGC C . 19.00 26.38 2.63
O2 BGC C . 16.74 27.40 2.57
O3 BGC C . 17.73 29.91 3.31
O4 BGC C . 20.52 30.34 2.93
O5 BGC C . 20.37 26.69 2.84
O6 BGC C . 22.59 27.92 4.08
C2 BGC D . -7.13 -20.98 21.15
C3 BGC D . -8.20 -21.40 20.17
C4 BGC D . -9.09 -22.54 20.70
C5 BGC D . -9.65 -22.07 22.07
C6 BGC D . -10.48 -23.18 22.69
C1 BGC D . -7.69 -20.70 22.54
O1 BGC D . -6.60 -20.56 23.45
O2 BGC D . -6.55 -19.80 20.63
O3 BGC D . -7.55 -21.78 19.00
O4 BGC D . -10.11 -22.79 19.76
O5 BGC D . -8.58 -21.74 22.97
O6 BGC D . -11.08 -22.73 23.89
C2 BGC D . -6.71 -21.14 16.92
C3 BGC D . -6.98 -20.55 15.55
C4 BGC D . -8.30 -21.06 15.03
C5 BGC D . -9.42 -20.82 16.04
C6 BGC D . -10.74 -21.43 15.56
C1 BGC D . -7.88 -20.96 17.87
O2 BGC D . -5.55 -20.60 17.52
O3 BGC D . -6.02 -20.98 14.60
O4 BGC D . -8.56 -20.36 13.83
O5 BGC D . -9.08 -21.42 17.28
O6 BGC D . -11.80 -21.04 16.43
C2 BGC D . -3.96 -20.55 13.47
C3 BGC D . -3.03 -19.55 12.80
C4 BGC D . -3.83 -18.63 11.90
C5 BGC D . -4.97 -17.98 12.72
C6 BGC D . -5.79 -17.04 11.87
C1 BGC D . -5.19 -19.90 14.11
O2 BGC D . -3.23 -21.18 14.50
O3 BGC D . -2.11 -20.32 12.06
O4 BGC D . -2.99 -17.66 11.32
O5 BGC D . -5.84 -18.97 13.25
O6 BGC D . -6.72 -16.38 12.71
C2 BGC D . 0.08 -21.31 11.86
C3 BGC D . 1.58 -21.03 11.72
C4 BGC D . 1.81 -19.75 10.89
C5 BGC D . 1.00 -18.62 11.48
C6 BGC D . 1.18 -17.36 10.65
C1 BGC D . -0.71 -20.07 12.29
O2 BGC D . -0.08 -22.36 12.78
O3 BGC D . 2.24 -22.14 11.14
O4 BGC D . 3.17 -19.33 10.89
O5 BGC D . -0.38 -18.96 11.50
O6 BGC D . 0.63 -17.55 9.34
C2 BGC D . 2.90 -24.44 11.62
C3 BGC D . 3.70 -25.40 12.51
C4 BGC D . 5.06 -24.75 12.77
C5 BGC D . 4.86 -23.35 13.37
C6 BGC D . 6.18 -22.60 13.61
C1 BGC D . 2.83 -22.99 12.15
O2 BGC D . 1.62 -25.01 11.45
O3 BGC D . 3.88 -26.59 11.77
O4 BGC D . 5.89 -25.59 13.57
O5 BGC D . 4.12 -22.54 12.50
O6 BGC D . 5.89 -21.34 14.26
C2 BGC D . 3.37 -28.88 11.30
C3 BGC D . 2.77 -30.18 11.85
C4 BGC D . 3.56 -30.66 13.07
C5 BGC D . 4.01 -29.54 14.03
C6 BGC D . 5.35 -29.92 14.62
C1 BGC D . 3.40 -27.81 12.39
O2 BGC D . 2.62 -28.43 10.21
O3 BGC D . 2.82 -31.18 10.87
O4 BGC D . 2.80 -31.65 13.75
O5 BGC D . 4.23 -28.28 13.45
O6 BGC D . 5.61 -29.21 15.82
#